data_7P8U
#
_entry.id   7P8U
#
_cell.length_a   62.583
_cell.length_b   73.488
_cell.length_c   79.338
_cell.angle_alpha   90
_cell.angle_beta   90
_cell.angle_gamma   90
#
_symmetry.space_group_name_H-M   'P 21 21 21'
#
loop_
_entity.id
_entity.type
_entity.pdbx_description
1 polymer 'Leucotoxin LukEv'
2 non-polymer DI(HYDROXYETHYL)ETHER
3 non-polymer IMIDAZOLE
4 non-polymer 'SULFATE ION'
5 non-polymer '(4-methylphenyl) hydrogen sulfate'
6 water water
#
_entity_poly.entity_id   1
_entity_poly.type   'polypeptide(L)'
_entity_poly.pdbx_seq_one_letter_code
;MSVGLIAPLASPIQESRANTNIENIGDGAEVIKRTEDVSSKKWGVTQNVQFDFVKDKKYNKDALIVKMQGFINSRTSFSD
VKGSGYELTKRMIWPFQYNIGLTTKDPNVSLINYLPKNKIETTDVGQTLGYNIGGNFQSAPSIGGNGSFNYSKTISYTQK
SYVSEVDKQNSKSVKWGVKANEFVTPDGKKSAHDRYLFVQSPNGPTGSAREYFAPDNQLPPLVQSGFNPSFITTLSHEKG
SSDTSEFEISYGRNLDITYATLFPRTGIYAERKHNAFVNRNFVVRYEVNWKTHEIKVKGHNKHHHHHH
;
_entity_poly.pdbx_strand_id   A
#
loop_
_chem_comp.id
_chem_comp.type
_chem_comp.name
_chem_comp.formula
6EI non-polymer '(4-methylphenyl) hydrogen sulfate' 'C7 H8 O4 S'
IMD non-polymer IMIDAZOLE 'C3 H5 N2 1'
PEG non-polymer DI(HYDROXYETHYL)ETHER 'C4 H10 O3'
SO4 non-polymer 'SULFATE ION' 'O4 S -2'
#
# COMPACT_ATOMS: atom_id res chain seq x y z
N ARG A 17 -33.21 -2.10 -4.81
CA ARG A 17 -32.06 -1.42 -5.38
C ARG A 17 -31.94 0.05 -4.93
N ALA A 18 -33.02 0.63 -4.37
CA ALA A 18 -33.05 2.01 -3.91
C ALA A 18 -31.98 2.33 -2.85
N ASN A 19 -31.62 1.37 -1.99
CA ASN A 19 -30.62 1.63 -0.96
C ASN A 19 -29.26 1.03 -1.26
N THR A 20 -28.93 0.91 -2.54
CA THR A 20 -27.63 0.38 -2.99
C THR A 20 -27.04 1.40 -3.95
N ASN A 21 -25.73 1.65 -3.86
CA ASN A 21 -25.07 2.61 -4.75
C ASN A 21 -24.81 1.95 -6.10
N ILE A 22 -25.68 2.26 -7.08
CA ILE A 22 -25.58 1.65 -8.39
C ILE A 22 -25.41 2.71 -9.45
N GLU A 23 -24.39 2.57 -10.32
CA GLU A 23 -24.21 3.52 -11.41
C GLU A 23 -24.53 2.84 -12.74
N ASN A 24 -25.44 3.42 -13.54
CA ASN A 24 -25.75 2.91 -14.87
C ASN A 24 -24.55 3.35 -15.75
N ILE A 25 -23.84 2.42 -16.42
CA ILE A 25 -22.70 2.82 -17.27
C ILE A 25 -22.93 2.61 -18.77
N GLY A 26 -24.16 2.37 -19.17
CA GLY A 26 -24.50 2.17 -20.57
C GLY A 26 -25.56 1.10 -20.76
N ASP A 27 -25.90 0.81 -22.01
CA ASP A 27 -26.95 -0.15 -22.29
C ASP A 27 -26.57 -1.54 -21.83
N GLY A 28 -27.36 -2.07 -20.90
CA GLY A 28 -27.20 -3.42 -20.37
C GLY A 28 -26.13 -3.54 -19.31
N ALA A 29 -25.59 -2.40 -18.84
CA ALA A 29 -24.48 -2.49 -17.85
C ALA A 29 -24.58 -1.52 -16.71
N GLU A 30 -24.14 -1.97 -15.53
CA GLU A 30 -24.13 -1.11 -14.35
C GLU A 30 -23.03 -1.55 -13.41
N VAL A 31 -22.71 -0.68 -12.46
CA VAL A 31 -21.70 -0.98 -11.47
C VAL A 31 -22.33 -0.89 -10.08
N ILE A 32 -22.16 -1.94 -9.26
CA ILE A 32 -22.67 -1.95 -7.89
C ILE A 32 -21.50 -1.64 -6.99
N LYS A 33 -21.61 -0.55 -6.22
CA LYS A 33 -20.46 -0.09 -5.44
C LYS A 33 -20.58 -0.37 -3.95
N ARG A 34 -19.63 -1.13 -3.43
CA ARG A 34 -19.61 -1.44 -2.00
C ARG A 34 -18.32 -0.89 -1.37
N THR A 35 -18.35 -0.70 -0.07
CA THR A 35 -17.12 -0.28 0.63
C THR A 35 -16.98 -1.03 1.94
N GLU A 36 -15.73 -1.13 2.41
CA GLU A 36 -15.47 -1.63 3.77
C GLU A 36 -14.36 -0.78 4.32
N ASP A 37 -14.43 -0.51 5.63
CA ASP A 37 -13.37 0.21 6.33
C ASP A 37 -13.01 -0.67 7.51
N VAL A 38 -11.75 -1.09 7.58
CA VAL A 38 -11.28 -1.98 8.64
C VAL A 38 -9.93 -1.43 9.16
N SER A 39 -9.88 -1.08 10.43
CA SER A 39 -8.65 -0.56 11.04
C SER A 39 -8.15 -1.43 12.18
N SER A 40 -6.86 -1.30 12.47
CA SER A 40 -6.21 -1.96 13.57
C SER A 40 -5.34 -0.92 14.29
N LYS A 41 -5.67 -0.63 15.55
CA LYS A 41 -4.82 0.30 16.31
C LYS A 41 -3.48 -0.40 16.62
N LYS A 42 -3.47 -1.75 16.83
CA LYS A 42 -2.20 -2.42 17.12
CA LYS A 42 -2.23 -2.50 17.10
C LYS A 42 -1.24 -2.38 15.93
N TRP A 43 -1.72 -2.64 14.70
CA TRP A 43 -0.86 -2.61 13.54
C TRP A 43 -0.67 -1.18 12.98
N GLY A 44 -1.47 -0.21 13.41
CA GLY A 44 -1.36 1.14 12.88
C GLY A 44 -1.75 1.18 11.41
N VAL A 45 -2.89 0.57 11.07
CA VAL A 45 -3.33 0.51 9.67
C VAL A 45 -4.80 0.76 9.59
N THR A 46 -5.19 1.42 8.52
CA THR A 46 -6.60 1.54 8.14
C THR A 46 -6.68 1.07 6.67
N GLN A 47 -7.58 0.10 6.40
CA GLN A 47 -7.90 -0.30 5.04
C GLN A 47 -9.24 0.32 4.69
N ASN A 48 -9.27 1.26 3.72
CA ASN A 48 -10.51 1.86 3.20
C ASN A 48 -10.59 1.26 1.81
N VAL A 49 -11.43 0.24 1.64
CA VAL A 49 -11.44 -0.47 0.37
C VAL A 49 -12.75 -0.27 -0.35
N GLN A 50 -12.68 -0.10 -1.68
CA GLN A 50 -13.86 0.01 -2.52
C GLN A 50 -13.95 -1.24 -3.38
N PHE A 51 -15.17 -1.78 -3.54
CA PHE A 51 -15.34 -3.03 -4.28
C PHE A 51 -16.46 -2.78 -5.24
N ASP A 52 -16.12 -2.65 -6.51
CA ASP A 52 -17.13 -2.32 -7.53
C ASP A 52 -17.42 -3.51 -8.44
N PHE A 53 -18.66 -3.99 -8.38
CA PHE A 53 -19.06 -5.11 -9.25
C PHE A 53 -19.43 -4.57 -10.61
N VAL A 54 -18.81 -5.11 -11.66
CA VAL A 54 -19.22 -4.74 -13.03
C VAL A 54 -20.25 -5.73 -13.48
N LYS A 55 -21.47 -5.26 -13.74
CA LYS A 55 -22.56 -6.10 -14.18
C LYS A 55 -22.82 -5.75 -15.63
N ASP A 56 -22.50 -6.64 -16.55
CA ASP A 56 -22.62 -6.34 -17.98
C ASP A 56 -23.23 -7.53 -18.70
N LYS A 57 -24.42 -7.34 -19.25
CA LYS A 57 -25.12 -8.40 -19.98
C LYS A 57 -24.36 -8.89 -21.22
N LYS A 58 -23.35 -8.14 -21.68
CA LYS A 58 -22.54 -8.52 -22.84
C LYS A 58 -21.16 -9.07 -22.47
N TYR A 59 -20.93 -9.36 -21.19
CA TYR A 59 -19.66 -9.88 -20.70
C TYR A 59 -20.02 -11.15 -19.94
N ASN A 60 -19.43 -12.31 -20.35
CA ASN A 60 -19.73 -13.63 -19.79
C ASN A 60 -19.11 -13.91 -18.42
N LYS A 61 -18.42 -12.94 -17.85
CA LYS A 61 -17.77 -13.13 -16.55
C LYS A 61 -18.19 -12.03 -15.59
N ASP A 62 -18.11 -12.33 -14.29
CA ASP A 62 -18.30 -11.32 -13.26
C ASP A 62 -16.92 -10.65 -13.08
N ALA A 63 -16.93 -9.40 -12.65
CA ALA A 63 -15.65 -8.70 -12.36
C ALA A 63 -15.84 -7.81 -11.17
N LEU A 64 -14.86 -7.81 -10.27
CA LEU A 64 -14.90 -6.96 -9.09
C LEU A 64 -13.65 -6.10 -9.08
N ILE A 65 -13.83 -4.79 -9.28
CA ILE A 65 -12.68 -3.88 -9.25
C ILE A 65 -12.45 -3.50 -7.81
N VAL A 66 -11.28 -3.84 -7.27
CA VAL A 66 -10.99 -3.55 -5.87
C VAL A 66 -9.96 -2.42 -5.82
N LYS A 67 -10.32 -1.33 -5.13
CA LYS A 67 -9.43 -0.18 -4.98
C LYS A 67 -9.09 -0.06 -3.48
N MET A 68 -7.81 -0.17 -3.21
CA MET A 68 -7.25 -0.23 -1.90
C MET A 68 -6.66 1.12 -1.47
N GLN A 69 -7.33 1.81 -0.53
CA GLN A 69 -6.84 3.06 0.02
C GLN A 69 -6.76 2.93 1.55
N GLY A 70 -6.47 4.05 2.25
CA GLY A 70 -6.33 3.98 3.69
C GLY A 70 -5.03 4.58 4.16
N PHE A 71 -4.46 3.97 5.20
CA PHE A 71 -3.27 4.54 5.81
C PHE A 71 -2.46 3.46 6.46
N ILE A 72 -1.14 3.58 6.32
CA ILE A 72 -0.23 2.67 7.01
C ILE A 72 0.72 3.59 7.79
N ASN A 73 0.65 3.52 9.12
CA ASN A 73 1.48 4.36 9.99
C ASN A 73 2.95 4.01 9.73
N SER A 74 3.80 5.02 9.71
CA SER A 74 5.23 4.74 9.52
C SER A 74 5.82 3.94 10.66
N ARG A 75 5.25 4.09 11.86
CA ARG A 75 5.77 3.49 13.09
C ARG A 75 7.23 3.93 13.35
N THR A 76 7.61 5.11 12.85
CA THR A 76 8.95 5.65 13.13
C THR A 76 9.05 5.96 14.63
N SER A 77 10.16 5.59 15.25
CA SER A 77 10.36 5.87 16.66
C SER A 77 11.82 6.07 16.97
N PHE A 78 12.08 6.75 18.09
CA PHE A 78 13.41 7.10 18.55
C PHE A 78 13.49 6.64 20.00
N SER A 79 14.52 5.85 20.33
CA SER A 79 14.60 5.33 21.68
C SER A 79 15.98 5.16 22.20
N ASP A 80 16.09 5.13 23.52
CA ASP A 80 17.34 4.83 24.19
C ASP A 80 17.61 3.33 24.05
N VAL A 81 18.87 2.95 24.17
CA VAL A 81 19.24 1.53 24.14
C VAL A 81 19.69 1.14 25.54
N LYS A 82 18.98 0.19 26.16
CA LYS A 82 19.29 -0.24 27.53
C LYS A 82 20.55 -1.10 27.59
N GLY A 83 21.14 -1.22 28.77
CA GLY A 83 22.30 -2.08 28.96
C GLY A 83 23.63 -1.37 29.07
N SER A 84 24.57 -2.00 29.78
CA SER A 84 25.93 -1.51 29.97
C SER A 84 26.63 -1.46 28.62
N GLY A 85 27.31 -0.36 28.35
CA GLY A 85 28.00 -0.15 27.09
C GLY A 85 27.15 0.53 26.01
N TYR A 86 25.84 0.64 26.23
CA TYR A 86 24.92 1.25 25.26
C TYR A 86 24.38 2.64 25.69
N GLU A 87 24.96 3.24 26.74
CA GLU A 87 24.49 4.54 27.25
C GLU A 87 24.52 5.70 26.24
N LEU A 88 25.48 5.67 25.31
CA LEU A 88 25.57 6.70 24.27
C LEU A 88 25.06 6.21 22.90
N THR A 89 24.28 5.12 22.89
CA THR A 89 23.74 4.54 21.67
C THR A 89 22.24 4.74 21.63
N LYS A 90 21.73 5.30 20.53
CA LYS A 90 20.31 5.55 20.37
C LYS A 90 19.81 4.84 19.12
N ARG A 91 18.50 4.57 19.09
CA ARG A 91 17.89 3.77 18.03
C ARG A 91 16.81 4.52 17.30
N MET A 92 16.84 4.46 15.96
CA MET A 92 15.73 5.00 15.16
C MET A 92 15.17 3.84 14.38
N ILE A 93 13.87 3.53 14.53
CA ILE A 93 13.19 2.52 13.76
C ILE A 93 12.38 3.30 12.73
N TRP A 94 12.40 2.86 11.46
CA TRP A 94 11.69 3.61 10.43
C TRP A 94 11.39 2.67 9.25
N PRO A 95 10.39 3.00 8.45
CA PRO A 95 9.93 2.07 7.41
C PRO A 95 10.73 2.13 6.12
N PHE A 96 11.44 1.04 5.85
CA PHE A 96 12.14 0.94 4.56
C PHE A 96 11.16 0.64 3.44
N GLN A 97 10.07 -0.09 3.72
CA GLN A 97 9.12 -0.40 2.67
C GLN A 97 7.74 -0.50 3.21
N TYR A 98 6.76 -0.10 2.41
CA TYR A 98 5.34 -0.35 2.72
C TYR A 98 4.92 -1.52 1.82
N ASN A 99 4.10 -2.42 2.39
CA ASN A 99 3.65 -3.61 1.70
C ASN A 99 2.14 -3.50 1.45
N ILE A 100 1.70 -3.76 0.22
CA ILE A 100 0.25 -3.79 -0.08
C ILE A 100 0.05 -5.03 -0.95
N GLY A 101 -0.84 -5.93 -0.56
CA GLY A 101 -1.07 -7.11 -1.38
C GLY A 101 -2.49 -7.61 -1.31
N LEU A 102 -2.90 -8.32 -2.37
CA LEU A 102 -4.22 -8.96 -2.35
C LEU A 102 -3.95 -10.35 -2.85
N THR A 103 -4.42 -11.37 -2.10
CA THR A 103 -4.22 -12.75 -2.51
CA THR A 103 -4.19 -12.75 -2.47
C THR A 103 -5.49 -13.55 -2.38
N THR A 104 -5.65 -14.55 -3.23
CA THR A 104 -6.77 -15.48 -3.08
C THR A 104 -6.22 -16.90 -3.25
N LYS A 105 -6.97 -17.90 -2.75
CA LYS A 105 -6.60 -19.32 -3.01
C LYS A 105 -7.75 -20.04 -3.74
N ASP A 106 -8.93 -19.38 -3.90
CA ASP A 106 -10.06 -20.06 -4.50
C ASP A 106 -9.82 -20.29 -5.98
N PRO A 107 -10.00 -21.53 -6.44
CA PRO A 107 -9.92 -21.77 -7.89
C PRO A 107 -10.89 -20.92 -8.71
N ASN A 108 -11.99 -20.45 -8.08
CA ASN A 108 -13.02 -19.76 -8.85
C ASN A 108 -12.74 -18.28 -9.10
N VAL A 109 -11.56 -17.79 -8.67
CA VAL A 109 -11.28 -16.38 -8.92
C VAL A 109 -9.86 -16.21 -9.40
N SER A 110 -9.68 -15.25 -10.29
CA SER A 110 -8.36 -14.92 -10.83
CA SER A 110 -8.33 -14.91 -10.75
C SER A 110 -8.20 -13.41 -10.89
N LEU A 111 -6.97 -12.89 -10.86
CA LEU A 111 -6.71 -11.47 -11.01
C LEU A 111 -6.45 -11.21 -12.49
N ILE A 112 -7.14 -10.22 -13.06
CA ILE A 112 -6.97 -9.95 -14.51
C ILE A 112 -6.32 -8.63 -14.83
N ASN A 113 -6.12 -7.78 -13.84
CA ASN A 113 -5.37 -6.55 -14.01
C ASN A 113 -4.98 -6.01 -12.69
N TYR A 114 -4.01 -5.11 -12.74
CA TYR A 114 -3.50 -4.48 -11.51
C TYR A 114 -2.85 -3.15 -11.83
N LEU A 115 -2.95 -2.20 -10.90
CA LEU A 115 -2.40 -0.88 -11.10
C LEU A 115 -1.79 -0.38 -9.78
N PRO A 116 -0.58 0.18 -9.82
CA PRO A 116 0.32 0.24 -10.99
C PRO A 116 0.75 -1.14 -11.50
N LYS A 117 0.96 -1.28 -12.83
CA LYS A 117 1.39 -2.57 -13.39
C LYS A 117 2.92 -2.66 -13.50
N ASN A 118 3.60 -1.52 -13.58
CA ASN A 118 5.05 -1.49 -13.74
C ASN A 118 5.65 -0.68 -12.64
N LYS A 119 6.98 -0.75 -12.50
CA LYS A 119 7.73 0.04 -11.55
C LYS A 119 7.51 1.53 -11.85
N ILE A 120 7.29 2.33 -10.82
CA ILE A 120 7.09 3.75 -10.98
C ILE A 120 7.89 4.49 -9.92
N GLU A 121 8.71 5.44 -10.36
CA GLU A 121 9.64 6.14 -9.48
C GLU A 121 9.29 7.62 -9.23
N THR A 122 8.26 8.14 -9.90
CA THR A 122 7.89 9.55 -9.75
C THR A 122 7.31 9.81 -8.36
N THR A 123 7.51 11.04 -7.85
CA THR A 123 6.96 11.40 -6.52
C THR A 123 5.45 11.20 -6.48
N ASP A 124 4.77 11.57 -7.58
CA ASP A 124 3.32 11.37 -7.63
C ASP A 124 3.00 10.24 -8.57
N VAL A 125 2.03 9.41 -8.18
CA VAL A 125 1.55 8.31 -9.00
C VAL A 125 0.06 8.59 -9.24
N GLY A 126 -0.36 8.56 -10.49
CA GLY A 126 -1.74 8.87 -10.86
C GLY A 126 -2.05 8.06 -12.10
N GLN A 127 -2.91 7.05 -11.97
CA GLN A 127 -3.18 6.15 -13.10
C GLN A 127 -4.67 5.82 -13.17
N THR A 128 -5.14 5.31 -14.32
CA THR A 128 -6.55 5.03 -14.52
C THR A 128 -6.79 3.64 -15.08
N LEU A 129 -7.82 2.95 -14.56
CA LEU A 129 -8.29 1.68 -15.09
C LEU A 129 -9.62 2.02 -15.74
N GLY A 130 -9.74 1.75 -17.03
CA GLY A 130 -10.97 1.99 -17.76
C GLY A 130 -11.66 0.69 -18.15
N TYR A 131 -12.99 0.72 -18.25
CA TYR A 131 -13.77 -0.43 -18.64
C TYR A 131 -14.69 -0.02 -19.77
N ASN A 132 -14.82 -0.86 -20.79
CA ASN A 132 -15.77 -0.64 -21.86
C ASN A 132 -16.61 -1.90 -21.97
N ILE A 133 -17.92 -1.70 -22.22
CA ILE A 133 -18.89 -2.78 -22.36
CA ILE A 133 -18.87 -2.79 -22.31
C ILE A 133 -18.38 -3.90 -23.25
N GLY A 134 -18.54 -5.13 -22.79
CA GLY A 134 -18.11 -6.31 -23.52
C GLY A 134 -16.86 -6.93 -22.91
N GLY A 135 -16.51 -6.57 -21.69
CA GLY A 135 -15.37 -7.13 -20.96
C GLY A 135 -14.01 -6.56 -21.28
N ASN A 136 -13.97 -5.27 -21.58
CA ASN A 136 -12.74 -4.65 -22.06
C ASN A 136 -12.14 -3.72 -21.05
N PHE A 137 -11.02 -4.12 -20.46
CA PHE A 137 -10.31 -3.27 -19.52
C PHE A 137 -9.07 -2.67 -20.15
N GLN A 138 -8.70 -1.49 -19.71
CA GLN A 138 -7.49 -0.83 -20.21
C GLN A 138 -6.87 -0.05 -19.07
N SER A 139 -5.54 0.08 -19.05
CA SER A 139 -4.95 0.96 -18.03
C SER A 139 -3.99 1.94 -18.63
N ALA A 140 -3.87 3.08 -17.99
CA ALA A 140 -2.99 4.13 -18.46
C ALA A 140 -2.27 4.72 -17.25
N PRO A 141 -0.95 5.04 -17.35
CA PRO A 141 -0.24 5.59 -16.20
C PRO A 141 -0.45 7.10 -16.04
N SER A 142 -1.64 7.58 -16.36
CA SER A 142 -1.98 8.99 -16.24
CA SER A 142 -1.97 8.99 -16.20
C SER A 142 -3.47 9.15 -15.85
N ILE A 143 -3.88 10.37 -15.45
CA ILE A 143 -5.27 10.68 -15.10
C ILE A 143 -5.74 11.82 -15.99
N GLY A 144 -6.96 11.71 -16.51
CA GLY A 144 -7.59 12.75 -17.31
C GLY A 144 -7.33 12.70 -18.81
N GLY A 145 -6.82 11.57 -19.27
CA GLY A 145 -6.51 11.41 -20.68
C GLY A 145 -7.70 11.00 -21.53
N ASN A 146 -8.66 10.26 -20.93
CA ASN A 146 -9.78 9.77 -21.72
C ASN A 146 -11.16 9.87 -21.10
N GLY A 147 -12.08 10.23 -21.96
CA GLY A 147 -13.51 10.27 -21.72
C GLY A 147 -14.20 9.26 -22.63
N SER A 148 -13.48 8.13 -22.97
CA SER A 148 -13.85 7.04 -23.86
CA SER A 148 -14.16 7.15 -23.81
C SER A 148 -14.39 5.79 -23.16
N PHE A 149 -14.28 5.72 -21.85
CA PHE A 149 -14.64 4.52 -21.10
C PHE A 149 -16.10 4.55 -20.65
N ASN A 150 -16.71 3.37 -20.50
CA ASN A 150 -18.06 3.32 -19.91
C ASN A 150 -17.91 3.55 -18.38
N TYR A 151 -16.79 3.10 -17.78
CA TYR A 151 -16.56 3.28 -16.35
C TYR A 151 -15.08 3.38 -16.15
N SER A 152 -14.66 4.12 -15.13
CA SER A 152 -13.24 4.18 -14.83
C SER A 152 -13.01 4.33 -13.35
N LYS A 153 -11.82 3.94 -12.90
CA LYS A 153 -11.44 4.10 -11.52
C LYS A 153 -10.01 4.58 -11.58
N THR A 154 -9.60 5.46 -10.64
CA THR A 154 -8.22 5.96 -10.68
C THR A 154 -7.50 5.66 -9.38
N ILE A 155 -6.18 5.67 -9.43
CA ILE A 155 -5.35 5.61 -8.22
C ILE A 155 -4.53 6.87 -8.15
N SER A 156 -4.23 7.33 -6.95
N SER A 156 -4.27 7.34 -6.94
CA SER A 156 -3.42 8.52 -6.75
CA SER A 156 -3.47 8.55 -6.71
C SER A 156 -2.76 8.43 -5.40
C SER A 156 -2.77 8.45 -5.38
N TYR A 157 -1.44 8.55 -5.39
CA TYR A 157 -0.69 8.61 -4.14
C TYR A 157 0.60 9.32 -4.33
N THR A 158 1.19 9.78 -3.22
CA THR A 158 2.48 10.48 -3.20
CA THR A 158 2.48 10.46 -3.25
C THR A 158 3.48 9.58 -2.48
N GLN A 159 4.70 9.46 -3.01
CA GLN A 159 5.69 8.57 -2.42
C GLN A 159 7.05 9.23 -2.44
N LYS A 160 7.15 10.49 -1.96
CA LYS A 160 8.43 11.20 -2.02
C LYS A 160 9.57 10.42 -1.40
N SER A 161 10.66 10.25 -2.17
CA SER A 161 11.88 9.53 -1.75
C SER A 161 11.80 8.02 -1.88
N TYR A 162 10.62 7.50 -2.25
CA TYR A 162 10.34 6.07 -2.36
C TYR A 162 9.97 5.73 -3.80
N VAL A 163 10.06 4.44 -4.13
CA VAL A 163 9.65 3.97 -5.48
C VAL A 163 8.71 2.79 -5.35
N SER A 164 7.85 2.58 -6.35
CA SER A 164 6.88 1.48 -6.27
C SER A 164 7.23 0.38 -7.23
N GLU A 165 7.26 -0.85 -6.76
CA GLU A 165 7.53 -2.00 -7.62
C GLU A 165 6.48 -3.06 -7.40
N VAL A 166 6.22 -3.85 -8.42
CA VAL A 166 5.34 -4.99 -8.28
C VAL A 166 6.29 -6.12 -7.89
N ASP A 167 6.21 -6.57 -6.66
CA ASP A 167 7.09 -7.61 -6.13
C ASP A 167 6.64 -9.01 -6.52
N LYS A 168 5.34 -9.17 -6.74
CA LYS A 168 4.78 -10.43 -7.12
C LYS A 168 3.50 -10.14 -7.85
N GLN A 169 3.29 -10.88 -8.92
CA GLN A 169 2.03 -10.81 -9.64
C GLN A 169 1.85 -12.12 -10.33
N ASN A 170 0.64 -12.64 -10.22
CA ASN A 170 0.24 -13.86 -10.90
C ASN A 170 -1.28 -13.92 -10.87
N SER A 171 -1.88 -15.01 -11.38
CA SER A 171 -3.34 -15.05 -11.46
C SER A 171 -4.03 -15.11 -10.10
N LYS A 172 -3.30 -15.37 -9.00
CA LYS A 172 -3.94 -15.46 -7.70
C LYS A 172 -3.52 -14.37 -6.71
N SER A 173 -2.46 -13.62 -7.00
CA SER A 173 -1.94 -12.66 -6.03
C SER A 173 -1.24 -11.51 -6.70
N VAL A 174 -1.28 -10.36 -6.04
CA VAL A 174 -0.51 -9.21 -6.50
C VAL A 174 0.05 -8.53 -5.24
N LYS A 175 1.34 -8.17 -5.28
CA LYS A 175 1.96 -7.51 -4.13
C LYS A 175 2.79 -6.36 -4.62
N TRP A 176 2.59 -5.18 -4.01
CA TRP A 176 3.39 -4.01 -4.34
C TRP A 176 4.26 -3.68 -3.12
N GLY A 177 5.47 -3.21 -3.41
CA GLY A 177 6.36 -2.73 -2.38
C GLY A 177 6.68 -1.28 -2.71
N VAL A 178 6.50 -0.36 -1.75
CA VAL A 178 6.80 1.08 -1.93
C VAL A 178 8.02 1.24 -1.06
N LYS A 179 9.19 1.34 -1.69
CA LYS A 179 10.47 1.16 -1.01
C LYS A 179 11.33 2.40 -1.00
N ALA A 180 12.06 2.60 0.09
CA ALA A 180 12.94 3.76 0.23
C ALA A 180 14.00 3.74 -0.87
N ASN A 181 14.25 4.91 -1.47
CA ASN A 181 15.12 5.00 -2.62
C ASN A 181 16.23 6.05 -2.49
N GLU A 182 15.88 7.34 -2.41
CA GLU A 182 16.88 8.40 -2.35
C GLU A 182 16.28 9.60 -1.64
N PHE A 183 17.02 10.18 -0.70
CA PHE A 183 16.52 11.26 0.14
C PHE A 183 17.31 12.56 -0.01
N VAL A 184 16.63 13.69 0.21
CA VAL A 184 17.27 15.00 0.19
C VAL A 184 17.68 15.30 1.64
N THR A 185 18.98 15.50 1.84
CA THR A 185 19.63 15.73 3.14
C THR A 185 20.36 17.10 3.11
N PRO A 186 20.69 17.73 4.26
CA PRO A 186 21.44 19.01 4.19
C PRO A 186 22.74 18.91 3.40
N ASP A 187 23.35 17.71 3.35
CA ASP A 187 24.60 17.49 2.64
C ASP A 187 24.45 17.02 1.18
N GLY A 188 23.21 16.89 0.70
CA GLY A 188 22.95 16.45 -0.67
C GLY A 188 22.05 15.21 -0.70
N LYS A 189 21.96 14.54 -1.87
CA LYS A 189 21.12 13.33 -1.94
C LYS A 189 21.83 12.17 -1.24
N LYS A 190 21.05 11.31 -0.59
CA LYS A 190 21.61 10.15 0.08
C LYS A 190 20.83 8.92 -0.32
N SER A 191 21.53 7.81 -0.55
CA SER A 191 20.87 6.56 -0.85
C SER A 191 20.09 6.07 0.36
N ALA A 192 19.00 5.32 0.10
CA ALA A 192 18.25 4.70 1.18
C ALA A 192 19.13 3.68 1.97
N HIS A 193 20.24 3.20 1.36
CA HIS A 193 21.13 2.24 2.00
C HIS A 193 22.34 2.87 2.70
N ASP A 194 22.44 4.20 2.71
CA ASP A 194 23.54 4.88 3.37
C ASP A 194 23.33 4.71 4.88
N ARG A 195 24.29 4.06 5.58
CA ARG A 195 24.13 3.85 7.02
C ARG A 195 24.01 5.14 7.82
N TYR A 196 24.48 6.29 7.26
CA TYR A 196 24.36 7.56 7.95
C TYR A 196 23.08 8.32 7.60
N LEU A 197 22.15 7.73 6.82
CA LEU A 197 20.88 8.41 6.53
C LEU A 197 20.13 8.65 7.84
N PHE A 198 19.72 9.90 8.05
CA PHE A 198 18.99 10.43 9.20
C PHE A 198 19.82 10.62 10.45
N VAL A 199 21.13 10.35 10.42
CA VAL A 199 21.94 10.49 11.62
C VAL A 199 22.52 11.88 11.74
N GLN A 200 22.54 12.44 12.96
CA GLN A 200 23.13 13.75 13.17
C GLN A 200 23.73 13.87 14.56
N SER A 201 24.73 14.74 14.70
CA SER A 201 25.34 14.96 16.01
C SER A 201 24.36 15.78 16.84
N PRO A 202 24.02 15.31 18.05
CA PRO A 202 23.09 16.09 18.89
C PRO A 202 23.72 17.37 19.45
N GLY A 204 24.83 14.50 25.87
CA GLY A 204 25.18 15.61 24.99
C GLY A 204 24.70 16.95 25.51
N PRO A 205 24.29 17.87 24.61
CA PRO A 205 23.80 19.18 25.07
C PRO A 205 22.50 19.03 25.88
N THR A 206 21.56 18.24 25.35
CA THR A 206 20.32 17.88 26.03
C THR A 206 20.22 16.31 26.11
N GLY A 207 20.95 15.60 25.24
CA GLY A 207 21.10 14.15 25.21
C GLY A 207 19.89 13.28 24.95
N SER A 208 18.85 13.82 24.32
CA SER A 208 17.64 13.08 24.03
C SER A 208 17.87 12.11 22.84
N ALA A 209 17.22 10.93 22.83
CA ALA A 209 17.37 9.99 21.70
C ALA A 209 16.95 10.68 20.38
N ARG A 210 15.89 11.50 20.45
CA ARG A 210 15.38 12.21 19.28
C ARG A 210 16.46 13.10 18.64
N GLU A 211 17.32 13.74 19.46
CA GLU A 211 18.35 14.63 18.94
C GLU A 211 19.50 13.94 18.20
N TYR A 212 19.56 12.60 18.21
CA TYR A 212 20.62 11.91 17.45
C TYR A 212 20.21 11.74 15.97
N PHE A 213 18.96 12.10 15.62
CA PHE A 213 18.44 11.88 14.28
C PHE A 213 17.85 13.15 13.69
N ALA A 214 17.73 13.18 12.36
CA ALA A 214 17.21 14.32 11.60
C ALA A 214 15.88 14.82 12.16
N PRO A 215 15.74 16.13 12.34
CA PRO A 215 14.46 16.66 12.85
C PRO A 215 13.31 16.39 11.86
N ASP A 216 12.08 16.43 12.36
CA ASP A 216 10.87 16.18 11.58
C ASP A 216 10.77 16.94 10.25
N ASN A 217 11.36 18.15 10.13
CA ASN A 217 11.30 18.91 8.87
C ASN A 217 12.24 18.36 7.79
N GLN A 218 13.21 17.52 8.15
CA GLN A 218 14.07 16.86 7.17
C GLN A 218 13.50 15.46 6.80
N LEU A 219 12.48 14.95 7.54
CA LEU A 219 11.93 13.63 7.26
C LEU A 219 10.76 13.76 6.30
N PRO A 220 10.78 13.03 5.17
CA PRO A 220 9.64 13.11 4.26
C PRO A 220 8.40 12.43 4.86
N PRO A 221 7.20 12.73 4.34
CA PRO A 221 5.98 12.14 4.90
C PRO A 221 5.99 10.61 5.12
N LEU A 222 6.59 9.84 4.18
CA LEU A 222 6.58 8.37 4.34
C LEU A 222 7.42 7.89 5.55
N VAL A 223 8.27 8.78 6.11
CA VAL A 223 9.04 8.45 7.30
C VAL A 223 8.35 9.07 8.51
N GLN A 224 8.00 10.36 8.45
CA GLN A 224 7.40 11.04 9.60
C GLN A 224 6.01 10.52 9.94
N SER A 225 5.14 10.35 8.92
CA SER A 225 3.74 10.05 9.18
C SER A 225 3.36 8.64 8.79
N GLY A 226 3.47 8.35 7.50
CA GLY A 226 3.02 7.07 6.97
C GLY A 226 2.71 7.18 5.50
N PHE A 227 2.03 6.18 5.00
CA PHE A 227 1.72 6.08 3.58
C PHE A 227 0.22 5.95 3.38
N ASN A 228 -0.32 6.60 2.35
CA ASN A 228 -1.75 6.52 2.01
C ASN A 228 -1.82 5.73 0.68
N PRO A 229 -2.01 4.41 0.75
CA PRO A 229 -2.00 3.61 -0.50
C PRO A 229 -3.14 3.97 -1.42
N SER A 230 -2.93 3.68 -2.69
CA SER A 230 -3.99 3.77 -3.68
C SER A 230 -3.61 2.79 -4.79
N PHE A 231 -4.19 1.55 -4.73
CA PHE A 231 -3.85 0.48 -5.66
C PHE A 231 -5.10 -0.19 -6.15
N ILE A 232 -5.07 -0.76 -7.35
CA ILE A 232 -6.25 -1.47 -7.87
C ILE A 232 -5.88 -2.86 -8.37
N THR A 233 -6.80 -3.81 -8.20
CA THR A 233 -6.71 -5.09 -8.91
C THR A 233 -8.15 -5.52 -9.20
N THR A 234 -8.35 -6.20 -10.32
CA THR A 234 -9.70 -6.67 -10.67
C THR A 234 -9.75 -8.18 -10.55
N LEU A 235 -10.73 -8.68 -9.82
CA LEU A 235 -10.98 -10.11 -9.63
C LEU A 235 -11.97 -10.54 -10.71
N SER A 236 -11.70 -11.68 -11.36
CA SER A 236 -12.55 -12.24 -12.39
C SER A 236 -13.14 -13.55 -11.90
N HIS A 237 -14.43 -13.80 -12.21
CA HIS A 237 -15.14 -14.99 -11.75
C HIS A 237 -16.08 -15.45 -12.86
N GLU A 238 -16.01 -16.73 -13.24
CA GLU A 238 -16.91 -17.28 -14.25
C GLU A 238 -18.32 -17.36 -13.66
N LYS A 239 -19.31 -16.89 -14.39
CA LYS A 239 -20.71 -16.97 -13.96
C LYS A 239 -21.06 -18.44 -14.08
N GLY A 240 -21.61 -19.02 -13.03
CA GLY A 240 -21.85 -20.47 -13.04
C GLY A 240 -20.92 -21.19 -12.09
N SER A 241 -19.74 -20.58 -11.75
CA SER A 241 -18.91 -21.16 -10.70
C SER A 241 -19.58 -20.79 -9.33
N SER A 242 -19.00 -21.22 -8.21
CA SER A 242 -19.66 -21.05 -6.91
C SER A 242 -19.87 -19.58 -6.54
N ASP A 243 -20.90 -19.38 -5.71
CA ASP A 243 -21.38 -18.05 -5.38
C ASP A 243 -20.41 -17.12 -4.74
N THR A 244 -19.46 -17.63 -3.96
CA THR A 244 -18.59 -16.76 -3.18
C THR A 244 -17.11 -17.06 -3.41
N SER A 245 -16.26 -16.09 -3.04
CA SER A 245 -14.82 -16.27 -3.04
C SER A 245 -14.29 -15.51 -1.85
N GLU A 246 -13.23 -16.04 -1.22
CA GLU A 246 -12.56 -15.26 -0.19
C GLU A 246 -11.24 -14.74 -0.76
N PHE A 247 -10.77 -13.63 -0.20
CA PHE A 247 -9.46 -13.10 -0.57
C PHE A 247 -8.95 -12.30 0.61
N GLU A 248 -7.64 -12.09 0.65
CA GLU A 248 -7.03 -11.37 1.77
C GLU A 248 -6.37 -10.12 1.25
N ILE A 249 -6.49 -9.02 2.00
CA ILE A 249 -5.78 -7.80 1.64
C ILE A 249 -4.84 -7.53 2.81
N SER A 250 -3.55 -7.33 2.49
CA SER A 250 -2.55 -7.08 3.51
CA SER A 250 -2.53 -7.10 3.50
C SER A 250 -1.94 -5.70 3.32
N TYR A 251 -1.87 -4.92 4.39
CA TYR A 251 -1.20 -3.59 4.34
C TYR A 251 -0.21 -3.61 5.50
N GLY A 252 1.01 -3.17 5.27
CA GLY A 252 1.97 -3.15 6.38
C GLY A 252 3.26 -2.52 5.99
N ARG A 253 4.29 -2.85 6.77
CA ARG A 253 5.60 -2.25 6.50
C ARG A 253 6.74 -3.17 6.93
N ASN A 254 7.92 -2.89 6.41
CA ASN A 254 9.17 -3.49 6.83
C ASN A 254 9.96 -2.35 7.43
N LEU A 255 10.48 -2.56 8.63
CA LEU A 255 11.21 -1.51 9.32
C LEU A 255 12.70 -1.79 9.36
N ASP A 256 13.51 -0.75 9.20
CA ASP A 256 14.94 -0.81 9.42
C ASP A 256 15.24 -0.16 10.77
N ILE A 257 16.44 -0.44 11.28
CA ILE A 257 16.90 0.23 12.47
C ILE A 257 18.18 0.93 12.11
N THR A 258 18.31 2.18 12.55
CA THR A 258 19.59 2.89 12.49
C THR A 258 20.02 3.09 13.93
N TYR A 259 21.21 2.62 14.25
CA TYR A 259 21.78 2.83 15.58
C TYR A 259 22.82 3.92 15.47
N ALA A 260 22.80 4.90 16.38
CA ALA A 260 23.79 5.99 16.37
C ALA A 260 24.46 6.00 17.73
N THR A 261 25.80 5.97 17.75
CA THR A 261 26.56 5.97 18.99
C THR A 261 27.45 7.20 19.03
N LEU A 262 27.41 7.95 20.13
CA LEU A 262 28.27 9.12 20.26
C LEU A 262 29.58 8.73 20.92
N PHE A 263 30.70 8.93 20.21
CA PHE A 263 32.02 8.70 20.79
C PHE A 263 32.59 10.08 20.97
N PRO A 264 32.57 10.63 22.19
CA PRO A 264 33.07 11.99 22.41
C PRO A 264 34.39 12.38 21.74
N ARG A 265 35.33 11.42 21.52
CA ARG A 265 36.60 11.74 20.88
C ARG A 265 36.62 11.58 19.33
N THR A 266 35.79 10.69 18.73
CA THR A 266 35.78 10.55 17.25
C THR A 266 34.42 10.85 16.57
N GLY A 267 33.46 11.35 17.34
CA GLY A 267 32.17 11.73 16.81
C GLY A 267 31.10 10.65 16.76
N ILE A 268 30.06 10.89 15.97
CA ILE A 268 28.93 9.97 15.86
C ILE A 268 29.23 8.79 14.93
N TYR A 269 28.87 7.59 15.34
CA TYR A 269 29.11 6.39 14.56
C TYR A 269 27.74 5.73 14.29
N ALA A 270 27.51 5.28 13.06
CA ALA A 270 26.19 4.69 12.74
C ALA A 270 26.27 3.31 12.16
N GLU A 271 25.26 2.49 12.46
CA GLU A 271 25.17 1.14 11.93
C GLU A 271 23.71 0.92 11.55
N ARG A 272 23.47 0.26 10.44
CA ARG A 272 22.10 -0.01 10.01
C ARG A 272 21.80 -1.48 10.12
N LYS A 273 20.62 -1.83 10.60
CA LYS A 273 20.10 -3.18 10.52
C LYS A 273 19.01 -3.09 9.47
N HIS A 274 19.32 -3.58 8.27
CA HIS A 274 18.36 -3.54 7.17
C HIS A 274 17.38 -4.72 7.30
N ASN A 275 16.10 -4.50 7.00
CA ASN A 275 15.06 -5.52 7.15
C ASN A 275 15.01 -6.04 8.57
N ALA A 276 15.04 -5.11 9.53
CA ALA A 276 15.08 -5.45 10.94
C ALA A 276 13.78 -6.07 11.40
N PHE A 277 12.63 -5.54 10.94
CA PHE A 277 11.33 -6.13 11.29
C PHE A 277 10.61 -6.26 9.95
N VAL A 278 10.42 -7.48 9.46
CA VAL A 278 9.79 -7.70 8.15
CA VAL A 278 9.80 -7.67 8.15
C VAL A 278 8.34 -8.12 8.25
N ASN A 279 7.54 -7.66 7.31
CA ASN A 279 6.15 -8.03 7.20
C ASN A 279 5.33 -7.80 8.46
N ARG A 280 5.42 -6.58 8.97
CA ARG A 280 4.56 -6.15 10.07
C ARG A 280 3.30 -5.66 9.37
N ASN A 281 2.43 -6.63 9.08
CA ASN A 281 1.27 -6.39 8.26
C ASN A 281 -0.06 -6.72 8.91
N PHE A 282 -1.05 -5.88 8.60
CA PHE A 282 -2.43 -6.11 9.01
C PHE A 282 -3.11 -6.79 7.82
N VAL A 283 -3.65 -7.97 8.05
CA VAL A 283 -4.23 -8.78 6.97
C VAL A 283 -5.70 -8.98 7.29
N VAL A 284 -6.55 -8.66 6.31
CA VAL A 284 -8.00 -8.80 6.48
C VAL A 284 -8.52 -9.74 5.42
N ARG A 285 -9.35 -10.69 5.82
N ARG A 285 -9.36 -10.69 5.83
CA ARG A 285 -9.95 -11.63 4.87
CA ARG A 285 -9.96 -11.66 4.92
C ARG A 285 -11.36 -11.14 4.59
C ARG A 285 -11.38 -11.20 4.60
N TYR A 286 -11.69 -11.03 3.31
CA TYR A 286 -13.02 -10.59 2.89
C TYR A 286 -13.65 -11.73 2.10
N GLU A 287 -14.97 -11.73 2.01
CA GLU A 287 -15.68 -12.66 1.13
C GLU A 287 -16.49 -11.81 0.14
N VAL A 288 -16.41 -12.14 -1.15
CA VAL A 288 -17.28 -11.56 -2.15
C VAL A 288 -18.36 -12.58 -2.47
N ASN A 289 -19.64 -12.14 -2.49
CA ASN A 289 -20.74 -12.99 -2.93
C ASN A 289 -21.11 -12.43 -4.31
N TRP A 290 -20.77 -13.19 -5.34
CA TRP A 290 -20.98 -12.80 -6.74
C TRP A 290 -22.47 -12.80 -7.12
N LYS A 291 -23.29 -13.57 -6.41
CA LYS A 291 -24.70 -13.67 -6.72
C LYS A 291 -25.48 -12.53 -6.11
N THR A 292 -25.16 -12.18 -4.86
CA THR A 292 -25.86 -11.11 -4.16
C THR A 292 -25.17 -9.74 -4.30
N HIS A 293 -23.94 -9.71 -4.87
CA HIS A 293 -23.15 -8.48 -5.04
C HIS A 293 -22.88 -7.86 -3.70
N GLU A 294 -22.42 -8.68 -2.74
CA GLU A 294 -22.13 -8.22 -1.38
C GLU A 294 -20.70 -8.56 -0.98
N ILE A 295 -20.15 -7.77 -0.07
CA ILE A 295 -18.83 -8.00 0.51
C ILE A 295 -19.00 -8.14 2.02
N LYS A 296 -18.30 -9.10 2.62
CA LYS A 296 -18.32 -9.27 4.07
C LYS A 296 -16.90 -9.40 4.59
N VAL A 297 -16.65 -8.91 5.80
CA VAL A 297 -15.38 -9.11 6.46
C VAL A 297 -15.45 -10.44 7.20
N LYS A 298 -14.56 -11.37 6.91
CA LYS A 298 -14.55 -12.71 7.51
C LYS A 298 -13.62 -12.88 8.69
N GLY A 299 -12.53 -12.16 8.68
CA GLY A 299 -11.54 -12.27 9.74
C GLY A 299 -10.38 -11.34 9.52
N HIS A 300 -9.49 -11.33 10.48
CA HIS A 300 -8.31 -10.48 10.39
C HIS A 300 -7.29 -10.96 11.40
N ASN A 301 -6.09 -10.36 11.39
CA ASN A 301 -5.10 -10.74 12.41
C ASN A 301 -4.97 -9.61 13.45
N LYS A 302 -6.09 -8.94 13.83
CA LYS A 302 -6.04 -7.88 14.86
C LYS A 302 -5.60 -8.50 16.20
C1 PEG B . -27.08 -4.33 -15.95
O1 PEG B . -28.21 -3.48 -16.08
C2 PEG B . -27.48 -5.70 -15.51
O2 PEG B . -26.47 -6.63 -15.86
C3 PEG B . -26.65 -7.88 -15.21
C4 PEG B . -25.88 -8.94 -15.94
O4 PEG B . -25.56 -10.02 -15.07
H11 PEG B . -26.50 -4.37 -16.87
H12 PEG B . -26.45 -3.85 -15.20
HO1 PEG B . -27.89 -2.59 -16.35
H21 PEG B . -27.64 -5.72 -14.43
H22 PEG B . -28.43 -5.98 -15.97
H31 PEG B . -26.33 -7.82 -14.18
H32 PEG B . -27.71 -8.15 -15.19
H41 PEG B . -26.50 -9.42 -16.69
H42 PEG B . -25.02 -8.54 -16.46
HO4 PEG B . -24.60 -10.28 -15.20
N1 IMD C . 9.00 11.63 14.22
C2 IMD C . 8.01 11.98 15.02
N3 IMD C . 6.92 11.34 14.63
C4 IMD C . 7.23 10.56 13.56
C5 IMD C . 8.54 10.74 13.30
HN1 IMD C . 9.96 11.98 14.26
H2 IMD C . 8.08 12.69 15.85
HN3 IMD C . 6.00 11.41 15.06
H4 IMD C . 6.51 9.93 13.05
H5 IMD C . 9.15 10.30 12.52
S SO4 D . -12.23 7.06 -8.91
O1 SO4 D . -11.35 6.03 -8.57
O2 SO4 D . -11.57 8.37 -8.87
O3 SO4 D . -12.78 6.90 -10.27
O4 SO4 D . -13.36 7.06 -7.98
C6 6EI E . 8.28 -2.26 17.34
C7 6EI E . 5.95 -1.78 15.91
S1 6EI E . 4.26 -2.68 14.15
O2 6EI E . 4.76 -1.52 15.18
O3 6EI E . 4.40 -3.97 14.76
O4 6EI E . 2.88 -2.33 13.93
O5 6EI E . 5.10 -2.48 13.01
C8 6EI E . 7.04 -2.52 17.90
C9 6EI E . 8.33 -1.80 16.04
C10 6EI E . 5.87 -2.28 17.20
C11 6EI E . 7.18 -1.55 15.32
C12 6EI E . 9.54 -2.41 18.16
HC8 6EI E . 6.97 -2.92 18.91
HC9 6EI E . 9.30 -1.62 15.55
HC10 6EI E . 4.91 -2.50 17.64
HC11 6EI E . 7.22 -1.18 14.30
H12C 6EI E . 10.43 -2.30 17.53
H12B 6EI E . 9.61 -3.38 18.64
H12A 6EI E . 9.62 -1.65 18.94
C6 6EI F . 12.91 -0.71 21.75
C7 6EI F . 13.69 -3.00 20.38
S1 6EI F . 15.61 -4.04 18.98
O2 6EI F . 14.14 -4.14 19.67
O3 6EI F . 15.76 -5.31 18.30
O4 6EI F . 15.59 -2.91 18.10
O5 6EI F . 16.52 -3.85 20.09
C8 6EI F . 12.63 -0.87 20.41
C9 6EI F . 13.59 -1.73 22.41
C10 6EI F . 13.01 -2.01 19.73
C11 6EI F . 13.98 -2.88 21.73
C12 6EI F . 12.46 0.53 22.50
HC8 6EI F . 12.09 -0.08 19.87
HC9 6EI F . 13.82 -1.63 23.47
HC10 6EI F . 12.78 -2.13 18.67
HC11 6EI F . 14.52 -3.66 22.25
H12C 6EI F . 13.31 1.00 23.00
H12B 6EI F . 11.72 0.29 23.27
H12A 6EI F . 12.02 1.27 21.84
C6 6EI G . 4.46 -7.35 0.06
C7 6EI G . 2.60 -8.57 1.73
S1 6EI G . 0.94 -10.55 2.10
O2 6EI G . 1.66 -9.19 2.60
O3 6EI G . 0.19 -10.94 3.26
O4 6EI G . 0.17 -10.16 0.94
O5 6EI G . 2.03 -11.46 1.81
C8 6EI G . 3.10 -7.12 -0.09
C9 6EI G . 4.86 -8.23 1.05
C10 6EI G . 2.17 -7.73 0.73
C11 6EI G . 3.95 -8.84 1.89
C12 6EI G . 5.47 -6.60 -0.77
HC8 6EI G . 2.75 -6.44 -0.87
HC9 6EI G . 5.92 -8.46 1.16
HC10 6EI G . 1.10 -7.55 0.59
HC11 6EI G . 4.28 -9.52 2.66
H12C 6EI G . 5.53 -7.02 -1.78
H12B 6EI G . 6.47 -6.65 -0.34
H12A 6EI G . 5.23 -5.54 -0.88
#